data_4B93
#
_entry.id   4B93
#
_cell.length_a   69.570
_cell.length_b   122.660
_cell.length_c   158.600
_cell.angle_alpha   90.00
_cell.angle_beta   90.00
_cell.angle_gamma   90.00
#
_symmetry.space_group_name_H-M   'C 2 2 21'
#
loop_
_entity.id
_entity.type
_entity.pdbx_description
1 polymer 'VESICLE-ASSOCIATED MEMBRANE PROTEIN 7'
2 polymer 'ANKYRIN REPEAT DOMAIN-CONTAINING PROTEIN 27'
3 water water
#
loop_
_entity_poly.entity_id
_entity_poly.type
_entity_poly.pdbx_seq_one_letter_code
_entity_poly.pdbx_strand_id
1 'polypeptide(L)'
;SMAILFAVVARGTTILAKHAWCGGNFLEVTEQILAKIPSENNKLTYSHGNYLFHYICQDRIVYLCITDDDFERSRAFSFL
NEVKKRFQTTYGSRAQTALPYAMNSEFSSVLAAQLKHHSENKSLDKVMETQAQVDELKGIMVRNIDLVAQRGERLELLID
KTENLVDSSVTFKTTSRNLARAMCMKNIK
;
A
2 'polypeptide(L)'
;RQEETKKDYREVEKLLRAVADGDLEMVRYLLEWTEEDLEDAEDTVSAADPEFCHPLCQCPKCAPAQKRLAKVPASGLGVN
VTSQDGSSPLHVAALHGRADLIPLLLKHGANAGARNADQAVPLHLACQQGHFQVVKCLLDSNAKPNKKDLSGNTPLIYAC
SGGHHELVALLLQHGASINASNNKGNTALHEAVIEKHVFVVELLLLHGASVQVLNKRQRTAVDCAEQNSKIMELLQVVPS
CVASLDDVAETDRKEYVTVKIRKHHHHHH
;
B
#
# COMPACT_ATOMS: atom_id res chain seq x y z
N SER A 1 0.24 9.36 20.14
CA SER A 1 0.51 7.90 20.21
C SER A 1 1.35 7.51 18.99
N MET A 2 2.67 7.53 19.17
CA MET A 2 3.60 7.01 18.17
C MET A 2 3.48 5.50 18.04
N ALA A 3 3.34 5.00 16.81
CA ALA A 3 2.93 3.62 16.54
C ALA A 3 4.11 2.64 16.58
N ILE A 4 5.30 3.21 16.53
CA ILE A 4 6.48 2.47 16.84
C ILE A 4 6.76 2.59 18.34
N LEU A 5 6.68 1.46 19.05
CA LEU A 5 6.69 1.34 20.53
C LEU A 5 8.08 1.21 21.10
N PHE A 6 8.94 0.48 20.40
CA PHE A 6 10.21 0.05 20.93
C PHE A 6 11.18 -0.27 19.85
N ALA A 7 12.47 -0.04 20.06
CA ALA A 7 13.39 -0.53 19.09
C ALA A 7 14.67 -0.93 19.72
N VAL A 8 15.35 -1.95 19.16
CA VAL A 8 16.69 -2.31 19.65
C VAL A 8 17.68 -2.65 18.55
N VAL A 9 18.94 -2.52 18.87
CA VAL A 9 19.93 -3.17 18.14
C VAL A 9 20.64 -4.28 18.94
N ALA A 10 20.78 -5.47 18.36
CA ALA A 10 21.36 -6.61 19.07
C ALA A 10 22.33 -7.38 18.21
N ARG A 11 23.25 -8.07 18.86
CA ARG A 11 23.94 -9.18 18.26
C ARG A 11 23.63 -10.46 19.02
N GLY A 12 23.09 -11.45 18.35
CA GLY A 12 22.79 -12.67 19.05
C GLY A 12 21.73 -12.31 20.07
N THR A 13 21.90 -12.73 21.32
CA THR A 13 20.98 -12.40 22.41
C THR A 13 21.48 -11.21 23.18
N THR A 14 22.66 -10.71 22.82
CA THR A 14 23.19 -9.51 23.43
C THR A 14 22.67 -8.14 22.83
N ILE A 15 21.81 -7.43 23.56
CA ILE A 15 21.34 -6.11 23.14
C ILE A 15 22.45 -5.07 23.27
N LEU A 16 22.66 -4.25 22.24
CA LEU A 16 23.73 -3.19 22.21
C LEU A 16 23.15 -1.82 22.46
N ALA A 17 21.86 -1.67 22.19
CA ALA A 17 21.22 -0.35 22.38
C ALA A 17 19.72 -0.59 22.22
N LYS A 18 18.94 0.24 22.88
CA LYS A 18 17.46 0.05 22.95
C LYS A 18 16.87 1.39 23.25
N HIS A 19 15.57 1.51 23.02
CA HIS A 19 14.85 2.68 23.39
C HIS A 19 13.34 2.36 23.33
N ALA A 20 12.63 2.65 24.41
CA ALA A 20 11.18 2.60 24.43
C ALA A 20 10.68 3.99 24.78
N TRP A 21 9.46 4.34 24.40
CA TRP A 21 8.98 5.66 24.83
C TRP A 21 7.91 5.54 25.90
N CYS A 22 7.39 4.33 26.12
CA CYS A 22 6.47 4.10 27.19
C CYS A 22 6.75 2.80 27.97
N GLY A 23 5.95 2.49 28.97
CA GLY A 23 6.25 1.34 29.80
C GLY A 23 5.70 0.08 29.20
N GLY A 24 6.43 -1.02 29.41
CA GLY A 24 5.98 -2.32 29.01
C GLY A 24 7.04 -3.40 29.14
N ASN A 25 6.60 -4.64 29.01
CA ASN A 25 7.48 -5.75 29.07
C ASN A 25 8.23 -5.99 27.71
N PHE A 26 8.93 -4.96 27.24
CA PHE A 26 9.57 -5.02 25.93
C PHE A 26 10.78 -5.89 25.96
N LEU A 27 11.56 -5.80 27.03
CA LEU A 27 12.77 -6.62 27.14
C LEU A 27 12.44 -8.08 27.34
N GLU A 28 11.36 -8.38 28.07
CA GLU A 28 10.98 -9.76 28.29
C GLU A 28 10.65 -10.35 26.90
N VAL A 29 9.78 -9.68 26.15
CA VAL A 29 9.42 -10.15 24.79
C VAL A 29 10.66 -10.14 23.88
N THR A 30 11.44 -9.07 23.95
CA THR A 30 12.48 -8.93 22.98
C THR A 30 13.47 -10.06 23.14
N GLU A 31 13.76 -10.45 24.39
CA GLU A 31 14.77 -11.47 24.68
C GLU A 31 14.34 -12.79 24.20
N GLN A 32 13.05 -13.08 24.30
CA GLN A 32 12.57 -14.32 23.72
C GLN A 32 12.56 -14.22 22.16
N ILE A 33 12.41 -13.04 21.58
CA ILE A 33 12.46 -12.94 20.10
C ILE A 33 13.91 -13.21 19.71
N LEU A 34 14.86 -12.49 20.33
CA LEU A 34 16.27 -12.68 19.90
C LEU A 34 16.70 -14.11 19.86
N ALA A 35 16.31 -14.90 20.85
CA ALA A 35 16.76 -16.28 20.92
C ALA A 35 16.24 -17.18 19.84
N LYS A 36 15.26 -16.72 19.10
CA LYS A 36 14.76 -17.47 17.97
C LYS A 36 15.38 -17.07 16.64
N ILE A 37 16.16 -15.99 16.61
CA ILE A 37 16.67 -15.50 15.33
C ILE A 37 17.92 -16.18 14.87
N PRO A 38 17.85 -16.83 13.69
CA PRO A 38 19.06 -17.38 13.10
C PRO A 38 20.08 -16.25 12.86
N SER A 39 21.33 -16.58 13.04
CA SER A 39 22.36 -15.59 12.94
C SER A 39 22.70 -15.27 11.45
N GLU A 40 22.34 -16.16 10.52
CA GLU A 40 22.47 -15.85 9.08
C GLU A 40 21.53 -14.67 8.75
N ASN A 41 21.87 -13.88 7.72
CA ASN A 41 21.07 -12.72 7.26
C ASN A 41 19.64 -13.14 7.05
N ASN A 42 18.66 -12.38 7.53
CA ASN A 42 17.26 -12.75 7.29
C ASN A 42 16.35 -11.64 7.75
N LYS A 43 15.09 -11.62 7.30
CA LYS A 43 14.15 -10.58 7.73
C LYS A 43 12.85 -11.24 7.99
N LEU A 44 12.08 -10.71 8.94
CA LEU A 44 10.85 -11.42 9.35
C LEU A 44 9.98 -10.48 10.15
N THR A 45 8.70 -10.77 10.14
CA THR A 45 7.77 -10.10 10.93
C THR A 45 7.05 -11.13 11.75
N TYR A 46 6.87 -10.86 13.04
CA TYR A 46 5.92 -11.74 13.78
C TYR A 46 4.68 -10.93 14.10
N SER A 47 3.54 -11.55 13.96
CA SER A 47 2.30 -10.96 14.40
C SER A 47 1.94 -11.54 15.79
N HIS A 48 1.67 -10.66 16.73
CA HIS A 48 1.34 -11.10 18.10
C HIS A 48 0.33 -10.17 18.74
N GLY A 49 -0.85 -10.70 19.03
CA GLY A 49 -1.92 -9.87 19.57
C GLY A 49 -2.14 -8.73 18.62
N ASN A 50 -2.19 -7.52 19.14
CA ASN A 50 -2.41 -6.36 18.30
C ASN A 50 -1.13 -5.66 17.95
N TYR A 51 -0.06 -6.40 17.87
CA TYR A 51 1.23 -5.74 17.68
C TYR A 51 1.93 -6.50 16.61
N LEU A 52 3.00 -5.90 16.09
CA LEU A 52 3.81 -6.64 15.20
C LEU A 52 5.24 -6.45 15.63
N PHE A 53 6.04 -7.48 15.45
CA PHE A 53 7.48 -7.40 15.71
C PHE A 53 8.25 -7.59 14.43
N HIS A 54 9.25 -6.75 14.13
CA HIS A 54 9.92 -6.83 12.85
C HIS A 54 11.40 -6.75 13.08
N TYR A 55 12.16 -7.51 12.33
CA TYR A 55 13.59 -7.24 12.33
C TYR A 55 14.23 -7.53 11.02
N ILE A 56 15.45 -7.04 10.95
CA ILE A 56 16.38 -7.40 9.98
C ILE A 56 17.61 -7.90 10.67
N CYS A 57 18.11 -9.06 10.25
CA CYS A 57 19.43 -9.48 10.71
C CYS A 57 20.40 -9.37 9.57
N GLN A 58 21.52 -8.60 9.69
CA GLN A 58 22.44 -8.53 8.66
C GLN A 58 23.87 -8.38 9.21
N ASP A 59 24.77 -9.15 8.67
CA ASP A 59 26.21 -9.20 9.19
C ASP A 59 26.12 -9.40 10.76
N ARG A 60 25.20 -10.29 11.12
CA ARG A 60 24.94 -10.74 12.51
C ARG A 60 24.27 -9.77 13.44
N ILE A 61 24.04 -8.54 12.99
CA ILE A 61 23.44 -7.58 13.81
C ILE A 61 21.96 -7.59 13.51
N VAL A 62 21.15 -7.56 14.59
CA VAL A 62 19.67 -7.58 14.52
C VAL A 62 19.17 -6.19 14.81
N TYR A 63 18.28 -5.68 13.95
CA TYR A 63 17.75 -4.34 14.07
C TYR A 63 16.30 -4.64 14.23
N LEU A 64 15.69 -4.32 15.38
CA LEU A 64 14.34 -4.87 15.70
C LEU A 64 13.48 -3.80 16.19
N CYS A 65 12.14 -3.90 15.93
CA CYS A 65 11.25 -2.92 16.47
C CYS A 65 9.91 -3.58 16.67
N ILE A 66 9.09 -2.92 17.48
CA ILE A 66 7.76 -3.44 17.89
C ILE A 66 6.85 -2.29 17.67
N THR A 67 5.68 -2.59 17.12
CA THR A 67 4.79 -1.53 16.73
C THR A 67 3.39 -2.04 16.89
N ASP A 68 2.48 -1.09 16.91
CA ASP A 68 1.03 -1.40 16.71
C ASP A 68 0.73 -2.08 15.39
N ASP A 69 -0.35 -2.86 15.34
CA ASP A 69 -0.57 -3.68 14.22
C ASP A 69 -1.15 -2.89 13.03
N ASP A 70 -1.26 -1.58 13.17
CA ASP A 70 -1.85 -0.74 12.13
C ASP A 70 -0.83 0.24 11.53
N PHE A 71 0.46 0.01 11.79
CA PHE A 71 1.54 0.74 11.16
C PHE A 71 2.03 -0.18 10.03
N GLU A 72 2.14 0.37 8.82
CA GLU A 72 2.43 -0.42 7.61
C GLU A 72 3.80 -1.03 7.66
N ARG A 73 3.93 -2.28 7.22
CA ARG A 73 5.28 -2.85 7.20
C ARG A 73 6.28 -2.03 6.44
N SER A 74 5.87 -1.34 5.38
CA SER A 74 6.83 -0.56 4.62
C SER A 74 7.47 0.49 5.45
N ARG A 75 6.65 1.17 6.23
CA ARG A 75 7.11 2.25 7.11
C ARG A 75 8.08 1.65 8.18
N ALA A 76 7.73 0.49 8.68
CA ALA A 76 8.59 -0.21 9.66
C ALA A 76 9.93 -0.60 9.12
N PHE A 77 9.92 -1.22 7.95
CA PHE A 77 11.20 -1.65 7.40
C PHE A 77 12.07 -0.53 6.97
N SER A 78 11.46 0.61 6.69
CA SER A 78 12.25 1.75 6.31
C SER A 78 12.95 2.35 7.55
N PHE A 79 12.17 2.43 8.63
CA PHE A 79 12.72 2.75 9.98
C PHE A 79 13.92 1.90 10.26
N LEU A 80 13.75 0.60 10.18
CA LEU A 80 14.92 -0.29 10.40
C LEU A 80 16.08 -0.15 9.49
N ASN A 81 15.81 0.15 8.21
CA ASN A 81 16.96 0.28 7.30
C ASN A 81 17.64 1.54 7.56
N GLU A 82 16.87 2.53 7.93
CA GLU A 82 17.54 3.77 8.37
C GLU A 82 18.42 3.68 9.69
N VAL A 83 17.81 3.11 10.75
CA VAL A 83 18.60 2.78 11.99
C VAL A 83 19.86 1.99 11.65
N LYS A 84 19.69 0.98 10.83
CA LYS A 84 20.85 0.16 10.44
C LYS A 84 21.94 0.90 9.75
N LYS A 85 21.53 1.74 8.78
CA LYS A 85 22.50 2.48 8.04
C LYS A 85 23.28 3.33 9.04
N ARG A 86 22.60 3.99 9.96
CA ARG A 86 23.34 4.79 10.94
C ARG A 86 24.25 3.96 11.84
N PHE A 87 23.73 2.81 12.30
CA PHE A 87 24.47 1.92 13.20
C PHE A 87 25.76 1.44 12.56
N GLN A 88 25.60 0.94 11.35
CA GLN A 88 26.72 0.47 10.54
C GLN A 88 27.75 1.52 10.29
N THR A 89 27.34 2.71 9.90
CA THR A 89 28.26 3.79 9.63
C THR A 89 28.97 4.19 10.86
N THR A 90 28.24 4.41 11.95
CA THR A 90 28.89 4.86 13.18
C THR A 90 29.78 3.80 13.79
N TYR A 91 29.38 2.53 13.83
CA TYR A 91 30.16 1.59 14.68
C TYR A 91 30.94 0.59 13.93
N GLY A 92 30.64 0.39 12.65
CA GLY A 92 31.37 -0.59 11.87
C GLY A 92 31.46 -1.97 12.51
N SER A 93 32.65 -2.55 12.48
CA SER A 93 32.90 -3.88 12.97
C SER A 93 32.93 -4.05 14.52
N ARG A 94 32.93 -2.92 15.25
CA ARG A 94 32.91 -2.89 16.72
CA ARG A 94 32.92 -2.94 16.71
C ARG A 94 31.76 -3.75 17.25
N ALA A 95 30.66 -3.74 16.53
CA ALA A 95 29.47 -4.43 16.93
C ALA A 95 29.60 -5.92 16.95
N GLN A 96 30.64 -6.41 16.28
CA GLN A 96 30.82 -7.83 16.22
C GLN A 96 31.20 -8.38 17.62
N THR A 97 32.00 -7.67 18.38
CA THR A 97 32.47 -8.11 19.68
C THR A 97 32.01 -7.22 20.85
N ALA A 98 31.07 -6.30 20.66
CA ALA A 98 30.68 -5.38 21.71
C ALA A 98 29.97 -6.11 22.87
N LEU A 99 30.18 -5.61 24.06
CA LEU A 99 29.52 -6.19 25.25
C LEU A 99 28.12 -5.57 25.41
N PRO A 100 27.36 -6.09 26.36
CA PRO A 100 25.98 -5.66 26.46
C PRO A 100 25.78 -4.20 26.65
N TYR A 101 24.81 -3.60 25.94
CA TYR A 101 24.56 -2.14 26.04
C TYR A 101 25.77 -1.27 25.73
N ALA A 102 26.82 -1.81 25.15
CA ALA A 102 27.98 -0.90 24.82
C ALA A 102 27.64 0.31 23.93
N MET A 103 26.53 0.26 23.17
CA MET A 103 26.26 1.37 22.28
C MET A 103 25.15 2.18 22.79
N ASN A 104 24.67 1.84 23.99
CA ASN A 104 23.35 2.34 24.37
C ASN A 104 23.41 3.80 24.79
N SER A 105 24.51 4.24 25.40
CA SER A 105 24.51 5.64 25.85
C SER A 105 24.57 6.56 24.62
N GLU A 106 25.26 6.14 23.56
CA GLU A 106 25.32 6.95 22.32
C GLU A 106 24.06 6.78 21.44
N PHE A 107 23.60 5.55 21.22
CA PHE A 107 22.67 5.29 20.13
C PHE A 107 21.25 5.28 20.48
N SER A 108 20.91 5.12 21.77
CA SER A 108 19.48 5.05 22.10
C SER A 108 18.82 6.36 21.72
N SER A 109 19.56 7.48 21.76
CA SER A 109 18.96 8.75 21.39
C SER A 109 18.82 8.87 19.85
N VAL A 110 19.75 8.28 19.10
CA VAL A 110 19.52 8.12 17.68
C VAL A 110 18.26 7.28 17.49
N LEU A 111 18.12 6.15 18.20
CA LEU A 111 16.89 5.32 18.05
C LEU A 111 15.67 6.12 18.37
N ALA A 112 15.76 6.99 19.38
CA ALA A 112 14.59 7.77 19.77
C ALA A 112 14.20 8.81 18.70
N ALA A 113 15.19 9.45 18.15
CA ALA A 113 14.95 10.48 17.13
C ALA A 113 14.34 9.86 15.84
N GLN A 114 14.82 8.69 15.45
CA GLN A 114 14.29 8.03 14.30
C GLN A 114 12.95 7.46 14.55
N LEU A 115 12.73 6.96 15.74
CA LEU A 115 11.39 6.33 16.03
C LEU A 115 10.30 7.39 15.97
N LYS A 116 10.67 8.57 16.44
CA LYS A 116 9.75 9.70 16.47
C LYS A 116 9.50 10.10 15.01
N HIS A 117 10.59 10.32 14.31
CA HIS A 117 10.50 10.77 12.93
C HIS A 117 9.67 9.83 12.08
N HIS A 118 9.96 8.54 12.14
CA HIS A 118 9.28 7.58 11.32
C HIS A 118 7.88 7.31 11.78
N SER A 119 7.56 7.64 13.03
CA SER A 119 6.20 7.44 13.53
C SER A 119 5.30 8.58 13.08
N GLU A 120 5.89 9.74 12.78
CA GLU A 120 5.12 10.91 12.29
C GLU A 120 5.07 10.98 10.75
N ASN A 121 4.07 10.27 10.18
CA ASN A 121 3.65 10.28 8.74
C ASN A 121 4.67 10.67 7.68
N GLU A 129 6.04 6.04 0.98
CA GLU A 129 5.52 6.52 -0.29
C GLU A 129 6.28 5.91 -1.47
N THR A 130 7.60 6.01 -1.47
CA THR A 130 8.44 5.43 -2.54
C THR A 130 8.21 3.90 -2.77
N GLN A 131 8.66 3.43 -3.93
CA GLN A 131 8.45 2.04 -4.38
C GLN A 131 9.57 1.11 -3.85
N ALA A 132 10.81 1.64 -3.75
CA ALA A 132 11.89 0.97 -3.01
C ALA A 132 11.34 0.39 -1.69
N GLN A 133 10.69 1.25 -0.90
CA GLN A 133 10.10 0.89 0.41
C GLN A 133 9.01 -0.19 0.43
N VAL A 134 8.17 -0.26 -0.60
CA VAL A 134 7.17 -1.32 -0.68
C VAL A 134 7.74 -2.65 -1.29
N ASP A 135 8.79 -2.54 -2.13
CA ASP A 135 9.43 -3.73 -2.73
C ASP A 135 10.41 -4.38 -1.77
N GLU A 136 10.82 -3.62 -0.76
CA GLU A 136 11.54 -4.17 0.39
C GLU A 136 10.83 -5.42 0.93
N LEU A 137 9.50 -5.38 0.92
CA LEU A 137 8.68 -6.30 1.61
C LEU A 137 8.57 -7.62 0.96
N LYS A 138 9.25 -7.77 -0.17
CA LYS A 138 9.03 -8.94 -0.97
C LYS A 138 9.70 -10.08 -0.30
N GLY A 139 9.00 -11.18 -0.19
CA GLY A 139 9.52 -12.28 0.67
C GLY A 139 9.94 -12.00 2.16
N ILE A 140 9.35 -11.02 2.82
CA ILE A 140 9.48 -10.96 4.30
C ILE A 140 8.23 -11.57 4.82
N MET A 141 8.34 -12.82 5.25
CA MET A 141 7.18 -13.55 5.74
C MET A 141 6.63 -12.93 7.04
N VAL A 142 5.37 -13.24 7.32
CA VAL A 142 4.72 -12.88 8.54
C VAL A 142 4.41 -14.17 9.24
N ARG A 143 4.77 -14.24 10.52
CA ARG A 143 4.62 -15.45 11.29
C ARG A 143 4.10 -15.17 12.68
N ASN A 144 3.62 -16.25 13.25
CA ASN A 144 3.23 -16.26 14.63
C ASN A 144 4.40 -16.65 15.45
N ILE A 145 4.33 -16.35 16.75
CA ILE A 145 5.44 -16.59 17.62
C ILE A 145 4.96 -17.14 18.98
N ASP A 146 5.65 -18.16 19.46
CA ASP A 146 5.35 -18.75 20.76
C ASP A 146 6.16 -18.04 21.86
N LEU A 147 5.50 -17.23 22.68
CA LEU A 147 6.18 -16.52 23.76
C LEU A 147 5.67 -16.96 25.17
N VAL A 148 6.57 -17.15 26.13
CA VAL A 148 6.15 -17.79 27.42
C VAL A 148 6.17 -16.86 28.60
N ALA A 149 5.07 -16.78 29.33
CA ALA A 149 5.04 -15.92 30.51
C ALA A 149 5.68 -16.62 31.75
N GLN A 150 5.99 -15.81 32.74
CA GLN A 150 6.50 -16.30 34.06
C GLN A 150 5.89 -17.62 34.57
N ARG A 151 4.57 -17.69 34.59
CA ARG A 151 3.93 -18.88 35.12
C ARG A 151 3.63 -19.94 34.08
N GLY A 152 4.24 -19.82 32.89
CA GLY A 152 4.09 -20.84 31.82
C GLY A 152 2.98 -20.63 30.78
N GLU A 153 2.12 -19.66 30.96
CA GLU A 153 1.05 -19.41 30.03
C GLU A 153 1.59 -18.58 28.88
N ARG A 154 0.71 -18.21 27.97
CA ARG A 154 1.11 -17.46 26.79
C ARG A 154 1.45 -16.08 27.26
N LEU A 155 2.64 -15.58 26.91
CA LEU A 155 3.01 -14.24 27.24
C LEU A 155 2.46 -13.24 26.23
N GLU A 156 1.83 -12.19 26.72
CA GLU A 156 1.33 -11.07 25.93
C GLU A 156 2.21 -9.85 26.13
N LEU A 157 2.26 -8.96 25.14
CA LEU A 157 3.02 -7.75 25.29
C LEU A 157 2.00 -6.86 25.94
N LEU A 158 2.38 -6.21 27.03
CA LEU A 158 1.48 -5.43 27.87
C LEU A 158 2.16 -4.15 28.13
N ILE A 159 1.62 -3.07 27.59
CA ILE A 159 2.28 -1.77 27.67
C ILE A 159 1.38 -0.79 28.39
N ASP A 160 1.94 0.38 28.73
CA ASP A 160 1.11 1.45 29.25
C ASP A 160 1.46 2.78 28.58
N LYS A 161 0.57 3.24 27.71
CA LYS A 161 0.84 4.44 26.89
C LYS A 161 0.90 5.73 27.72
N THR A 162 0.19 5.75 28.86
CA THR A 162 0.34 6.76 29.96
C THR A 162 1.80 7.17 30.33
N GLU A 163 2.77 6.29 30.09
CA GLU A 163 4.12 6.45 30.69
C GLU A 163 5.14 7.31 29.90
N ASN A 164 6.13 7.83 30.64
CA ASN A 164 7.36 8.54 30.16
C ASN A 164 7.14 9.78 29.32
N LYS B 7 -20.45 -4.66 12.43
CA LYS B 7 -19.89 -3.42 13.03
C LYS B 7 -18.40 -3.54 13.37
N ASP B 8 -17.85 -4.75 13.51
CA ASP B 8 -16.39 -4.86 13.63
C ASP B 8 -15.70 -5.10 12.27
N TYR B 9 -15.20 -3.97 11.76
CA TYR B 9 -14.47 -3.84 10.52
C TYR B 9 -12.98 -3.73 10.80
N ARG B 10 -12.57 -4.04 12.01
CA ARG B 10 -11.18 -3.78 12.38
C ARG B 10 -10.26 -4.77 11.67
N GLU B 11 -10.73 -6.00 11.49
CA GLU B 11 -9.99 -7.03 10.77
C GLU B 11 -9.90 -6.71 9.26
N VAL B 12 -11.05 -6.43 8.67
CA VAL B 12 -11.14 -5.95 7.29
C VAL B 12 -10.14 -4.85 7.06
N GLU B 13 -10.11 -3.85 7.94
CA GLU B 13 -9.20 -2.73 7.82
C GLU B 13 -7.74 -3.14 7.89
N LYS B 14 -7.48 -4.25 8.59
CA LYS B 14 -6.11 -4.69 8.70
C LYS B 14 -5.67 -5.11 7.34
N LEU B 15 -6.55 -5.88 6.71
CA LEU B 15 -6.33 -6.47 5.44
C LEU B 15 -6.18 -5.43 4.33
N LEU B 16 -7.06 -4.45 4.34
CA LEU B 16 -7.04 -3.46 3.29
C LEU B 16 -5.84 -2.57 3.48
N ARG B 17 -5.31 -2.47 4.68
CA ARG B 17 -4.14 -1.57 4.90
C ARG B 17 -2.99 -2.34 4.31
N ALA B 18 -3.06 -3.67 4.41
CA ALA B 18 -1.92 -4.45 3.90
C ALA B 18 -1.96 -4.41 2.31
N VAL B 19 -3.10 -4.77 1.74
CA VAL B 19 -3.37 -4.54 0.27
C VAL B 19 -2.84 -3.16 -0.19
N ALA B 20 -3.34 -2.11 0.44
CA ALA B 20 -2.94 -0.74 0.08
C ALA B 20 -1.46 -0.49 0.13
N ASP B 21 -0.75 -1.14 1.04
CA ASP B 21 0.72 -0.97 1.18
C ASP B 21 1.47 -1.91 0.23
N GLY B 22 0.72 -2.70 -0.56
CA GLY B 22 1.32 -3.61 -1.49
C GLY B 22 1.99 -4.77 -0.81
N ASP B 23 1.45 -5.21 0.31
CA ASP B 23 2.14 -6.18 1.16
C ASP B 23 1.63 -7.57 0.95
N LEU B 24 2.26 -8.28 0.04
CA LEU B 24 1.78 -9.60 -0.36
C LEU B 24 1.89 -10.64 0.78
N GLU B 25 3.02 -10.68 1.48
CA GLU B 25 3.11 -11.67 2.58
C GLU B 25 2.11 -11.38 3.74
N MET B 26 1.89 -10.11 4.04
CA MET B 26 0.84 -9.81 4.98
C MET B 26 -0.53 -10.27 4.49
N VAL B 27 -0.87 -9.95 3.23
CA VAL B 27 -2.17 -10.38 2.72
C VAL B 27 -2.28 -11.88 2.85
N ARG B 28 -1.20 -12.56 2.48
CA ARG B 28 -1.19 -14.02 2.56
C ARG B 28 -1.41 -14.56 3.98
N TYR B 29 -0.83 -13.91 4.97
CA TYR B 29 -0.96 -14.35 6.36
C TYR B 29 -2.37 -14.11 6.78
N LEU B 30 -2.85 -12.90 6.57
CA LEU B 30 -4.18 -12.55 6.99
C LEU B 30 -5.26 -13.38 6.31
N LEU B 31 -5.06 -13.84 5.08
CA LEU B 31 -6.07 -14.67 4.38
C LEU B 31 -5.72 -16.16 4.41
N GLU B 32 -4.53 -16.49 4.88
CA GLU B 32 -4.14 -17.89 5.07
C GLU B 32 -3.99 -18.68 3.79
N TRP B 33 -3.24 -18.17 2.83
CA TRP B 33 -3.04 -18.88 1.58
C TRP B 33 -1.91 -19.90 1.65
N THR B 34 -1.95 -20.95 0.82
CA THR B 34 -0.85 -21.98 0.66
C THR B 34 0.19 -21.94 1.76
N SER B 75 -11.13 -16.02 11.39
CA SER B 75 -11.52 -14.65 11.72
C SER B 75 -12.50 -14.05 10.68
N GLY B 76 -12.92 -14.89 9.72
CA GLY B 76 -13.98 -14.52 8.76
C GLY B 76 -13.56 -13.65 7.58
N LEU B 77 -12.27 -13.31 7.49
CA LEU B 77 -11.74 -12.60 6.34
C LEU B 77 -11.79 -13.45 5.07
N GLY B 78 -11.85 -12.78 3.94
CA GLY B 78 -11.91 -13.48 2.67
C GLY B 78 -11.45 -12.53 1.58
N VAL B 79 -11.20 -13.07 0.40
CA VAL B 79 -10.68 -12.24 -0.68
C VAL B 79 -11.72 -11.19 -1.11
N ASN B 80 -13.01 -11.45 -0.92
CA ASN B 80 -14.03 -10.47 -1.28
C ASN B 80 -14.77 -9.74 -0.18
N VAL B 81 -14.22 -9.68 1.02
CA VAL B 81 -14.91 -8.92 2.07
C VAL B 81 -14.78 -7.45 1.75
N THR B 82 -15.66 -6.67 2.40
CA THR B 82 -15.82 -5.24 2.24
C THR B 82 -15.59 -4.40 3.47
N SER B 83 -14.91 -3.29 3.32
CA SER B 83 -14.94 -2.32 4.35
C SER B 83 -16.36 -1.79 4.37
N GLN B 84 -16.57 -0.69 5.07
CA GLN B 84 -17.93 -0.24 5.30
C GLN B 84 -18.47 0.37 3.98
N ASP B 85 -17.67 1.28 3.39
CA ASP B 85 -17.63 1.65 1.94
C ASP B 85 -18.03 0.72 0.85
N GLY B 86 -17.84 -0.58 1.03
CA GLY B 86 -17.83 -1.43 -0.15
C GLY B 86 -16.46 -1.73 -0.74
N SER B 87 -15.39 -1.09 -0.24
CA SER B 87 -14.06 -1.40 -0.70
C SER B 87 -13.69 -2.83 -0.40
N SER B 88 -13.54 -3.61 -1.47
CA SER B 88 -12.94 -4.94 -1.43
C SER B 88 -11.42 -4.77 -1.59
N PRO B 89 -10.68 -5.84 -1.34
CA PRO B 89 -9.24 -5.80 -1.56
C PRO B 89 -8.89 -5.40 -3.01
N LEU B 90 -9.60 -6.02 -3.95
CA LEU B 90 -9.37 -5.72 -5.38
C LEU B 90 -9.49 -4.23 -5.67
N HIS B 91 -10.52 -3.57 -5.12
CA HIS B 91 -10.63 -2.10 -5.23
C HIS B 91 -9.42 -1.43 -4.69
N VAL B 92 -9.01 -1.88 -3.50
CA VAL B 92 -7.96 -1.14 -2.83
C VAL B 92 -6.70 -1.28 -3.60
N ALA B 93 -6.46 -2.48 -4.04
CA ALA B 93 -5.26 -2.81 -4.83
C ALA B 93 -5.14 -1.96 -6.13
N ALA B 94 -6.29 -1.71 -6.69
CA ALA B 94 -6.44 -1.03 -7.98
C ALA B 94 -6.19 0.42 -7.72
N LEU B 95 -6.85 0.89 -6.67
CA LEU B 95 -6.74 2.27 -6.27
C LEU B 95 -5.31 2.67 -6.01
N HIS B 96 -4.57 1.79 -5.37
CA HIS B 96 -3.18 2.10 -4.97
C HIS B 96 -2.17 1.57 -5.93
N GLY B 97 -2.64 0.87 -6.95
CA GLY B 97 -1.81 0.57 -8.06
C GLY B 97 -0.97 -0.59 -7.75
N ARG B 98 -1.53 -1.59 -7.10
CA ARG B 98 -0.69 -2.69 -6.65
C ARG B 98 -0.79 -3.82 -7.60
N ALA B 99 -0.15 -3.63 -8.75
CA ALA B 99 -0.30 -4.58 -9.84
C ALA B 99 0.20 -5.99 -9.44
N ASP B 100 1.23 -6.07 -8.61
CA ASP B 100 1.70 -7.41 -8.24
C ASP B 100 0.70 -8.17 -7.39
N LEU B 101 -0.18 -7.48 -6.64
CA LEU B 101 -1.23 -8.24 -5.94
C LEU B 101 -2.35 -8.81 -6.77
N ILE B 102 -2.60 -8.20 -7.91
CA ILE B 102 -3.88 -8.44 -8.59
C ILE B 102 -4.04 -9.87 -9.08
N PRO B 103 -3.00 -10.40 -9.76
CA PRO B 103 -3.14 -11.78 -10.25
C PRO B 103 -3.47 -12.71 -9.12
N LEU B 104 -2.84 -12.49 -7.98
CA LEU B 104 -3.04 -13.35 -6.81
C LEU B 104 -4.44 -13.24 -6.24
N LEU B 105 -4.91 -12.02 -6.07
CA LEU B 105 -6.28 -11.84 -5.60
C LEU B 105 -7.20 -12.55 -6.56
N LEU B 106 -7.05 -12.26 -7.85
CA LEU B 106 -7.92 -12.90 -8.84
C LEU B 106 -7.76 -14.41 -8.82
N LYS B 107 -6.52 -14.91 -8.69
CA LYS B 107 -6.29 -16.37 -8.53
C LYS B 107 -7.11 -16.98 -7.38
N HIS B 108 -7.27 -16.24 -6.28
CA HIS B 108 -8.05 -16.74 -5.13
C HIS B 108 -9.49 -16.32 -5.16
N GLY B 109 -9.96 -15.74 -6.26
CA GLY B 109 -11.41 -15.50 -6.41
C GLY B 109 -11.87 -14.08 -6.22
N ALA B 110 -10.99 -13.10 -6.21
CA ALA B 110 -11.50 -11.75 -6.09
C ALA B 110 -12.46 -11.51 -7.24
N ASN B 111 -13.47 -10.68 -6.97
CA ASN B 111 -14.46 -10.38 -7.96
C ASN B 111 -14.22 -9.01 -8.62
N ALA B 112 -13.87 -9.01 -9.92
CA ALA B 112 -13.52 -7.75 -10.59
C ALA B 112 -14.69 -6.83 -10.87
N GLY B 113 -15.91 -7.37 -10.83
CA GLY B 113 -17.12 -6.55 -10.91
C GLY B 113 -17.77 -6.09 -9.61
N ALA B 114 -17.09 -6.35 -8.50
CA ALA B 114 -17.59 -5.94 -7.21
C ALA B 114 -17.75 -4.38 -7.17
N ARG B 115 -18.90 -3.95 -6.68
CA ARG B 115 -19.31 -2.57 -6.68
C ARG B 115 -19.15 -2.06 -5.30
N ASN B 116 -18.46 -0.95 -5.15
CA ASN B 116 -18.41 -0.28 -3.89
C ASN B 116 -19.63 0.64 -3.75
N ALA B 117 -19.57 1.60 -2.85
CA ALA B 117 -20.75 2.36 -2.50
C ALA B 117 -21.05 3.40 -3.56
N ASP B 118 -20.07 3.73 -4.40
CA ASP B 118 -20.33 4.54 -5.59
C ASP B 118 -20.73 3.75 -6.80
N GLN B 119 -20.92 2.44 -6.61
CA GLN B 119 -21.09 1.49 -7.69
C GLN B 119 -19.89 1.51 -8.66
N ALA B 120 -18.76 1.96 -8.12
CA ALA B 120 -17.52 1.88 -8.81
C ALA B 120 -16.96 0.47 -8.69
N VAL B 121 -16.37 -0.03 -9.77
CA VAL B 121 -15.70 -1.30 -9.82
C VAL B 121 -14.23 -0.98 -9.74
N PRO B 122 -13.40 -2.01 -9.55
CA PRO B 122 -11.99 -1.63 -9.37
C PRO B 122 -11.32 -0.97 -10.61
N LEU B 123 -11.78 -1.37 -11.78
CA LEU B 123 -11.33 -0.66 -12.97
C LEU B 123 -11.50 0.84 -12.92
N HIS B 124 -12.60 1.31 -12.35
CA HIS B 124 -12.75 2.76 -12.25
C HIS B 124 -11.60 3.43 -11.55
N LEU B 125 -11.15 2.79 -10.46
CA LEU B 125 -10.19 3.46 -9.57
C LEU B 125 -8.85 3.42 -10.20
N ALA B 126 -8.50 2.26 -10.72
CA ALA B 126 -7.20 2.17 -11.42
C ALA B 126 -7.16 3.20 -12.57
N CYS B 127 -8.28 3.33 -13.27
CA CYS B 127 -8.38 4.39 -14.30
C CYS B 127 -8.30 5.80 -13.71
N GLN B 128 -8.98 6.06 -12.58
CA GLN B 128 -8.91 7.41 -11.99
C GLN B 128 -7.49 7.76 -11.69
N GLN B 129 -6.67 6.78 -11.33
CA GLN B 129 -5.29 7.02 -10.85
C GLN B 129 -4.25 6.81 -11.87
N GLY B 130 -4.63 6.22 -13.00
CA GLY B 130 -3.73 6.12 -14.13
C GLY B 130 -2.81 4.94 -14.04
N HIS B 131 -3.25 3.84 -13.39
CA HIS B 131 -2.36 2.68 -13.15
C HIS B 131 -2.39 1.68 -14.27
N PHE B 132 -1.49 1.90 -15.22
CA PHE B 132 -1.42 1.06 -16.42
C PHE B 132 -1.46 -0.45 -16.18
N GLN B 133 -0.50 -0.95 -15.42
CA GLN B 133 -0.38 -2.41 -15.26
C GLN B 133 -1.59 -2.99 -14.58
N VAL B 134 -2.14 -2.26 -13.62
CA VAL B 134 -3.35 -2.73 -12.99
C VAL B 134 -4.48 -2.86 -14.01
N VAL B 135 -4.69 -1.78 -14.75
CA VAL B 135 -5.72 -1.79 -15.80
C VAL B 135 -5.49 -2.94 -16.76
N LYS B 136 -4.25 -3.09 -17.19
CA LYS B 136 -3.94 -4.15 -18.11
C LYS B 136 -4.28 -5.46 -17.51
N CYS B 137 -3.81 -5.66 -16.28
CA CYS B 137 -3.99 -6.94 -15.65
C CYS B 137 -5.47 -7.25 -15.51
N LEU B 138 -6.23 -6.27 -15.10
CA LEU B 138 -7.66 -6.54 -14.95
C LEU B 138 -8.33 -6.80 -16.32
N LEU B 139 -7.99 -5.96 -17.31
CA LEU B 139 -8.63 -6.15 -18.65
C LEU B 139 -8.29 -7.53 -19.13
N ASP B 140 -7.03 -7.92 -18.98
CA ASP B 140 -6.66 -9.30 -19.34
C ASP B 140 -7.29 -10.38 -18.53
N SER B 141 -7.88 -10.08 -17.36
CA SER B 141 -8.58 -11.08 -16.63
C SER B 141 -10.02 -10.94 -16.87
N ASN B 142 -10.36 -10.27 -17.96
CA ASN B 142 -11.73 -10.10 -18.37
C ASN B 142 -12.60 -9.16 -17.55
N ALA B 143 -11.99 -8.25 -16.83
CA ALA B 143 -12.79 -7.18 -16.26
C ALA B 143 -13.52 -6.42 -17.41
N LYS B 144 -14.82 -6.17 -17.24
CA LYS B 144 -15.61 -5.41 -18.20
C LYS B 144 -15.37 -3.91 -18.22
N PRO B 145 -15.06 -3.35 -19.39
CA PRO B 145 -14.67 -1.93 -19.44
C PRO B 145 -15.84 -0.99 -19.47
N ASN B 146 -17.04 -1.46 -19.79
CA ASN B 146 -18.17 -0.52 -19.86
C ASN B 146 -19.11 -0.75 -18.68
N LYS B 147 -18.76 -0.13 -17.58
CA LYS B 147 -19.53 -0.18 -16.34
C LYS B 147 -19.56 1.24 -15.93
N LYS B 148 -20.71 1.66 -15.45
CA LYS B 148 -20.90 3.02 -15.00
C LYS B 148 -21.11 3.02 -13.49
N ASP B 149 -20.57 4.04 -12.84
CA ASP B 149 -20.80 4.25 -11.43
C ASP B 149 -21.89 5.31 -11.30
N LEU B 150 -22.21 5.69 -10.08
CA LEU B 150 -23.39 6.49 -9.84
C LEU B 150 -23.33 7.85 -10.51
N SER B 151 -22.14 8.40 -10.76
CA SER B 151 -22.05 9.65 -11.49
C SER B 151 -22.15 9.38 -13.01
N GLY B 152 -22.57 8.16 -13.38
CA GLY B 152 -22.55 7.70 -14.75
C GLY B 152 -21.20 7.58 -15.44
N ASN B 153 -20.09 7.76 -14.72
CA ASN B 153 -18.79 7.69 -15.36
C ASN B 153 -18.29 6.24 -15.63
N THR B 154 -17.38 6.17 -16.61
CA THR B 154 -16.80 4.91 -17.09
C THR B 154 -15.35 4.99 -16.79
N PRO B 155 -14.71 3.84 -16.90
CA PRO B 155 -13.29 3.79 -16.82
C PRO B 155 -12.61 4.67 -17.80
N LEU B 156 -13.10 4.66 -19.05
CA LEU B 156 -12.45 5.49 -20.08
C LEU B 156 -12.57 6.93 -19.76
N ILE B 157 -13.77 7.30 -19.34
CA ILE B 157 -14.01 8.69 -19.01
C ILE B 157 -13.14 9.16 -17.85
N TYR B 158 -12.92 8.29 -16.84
CA TYR B 158 -12.05 8.67 -15.71
C TYR B 158 -10.63 8.78 -16.17
N ALA B 159 -10.17 7.83 -16.97
CA ALA B 159 -8.79 7.95 -17.50
C ALA B 159 -8.57 9.19 -18.32
N CYS B 160 -9.55 9.52 -19.14
CA CYS B 160 -9.44 10.71 -19.99
C CYS B 160 -9.56 11.94 -19.16
N SER B 161 -10.58 11.97 -18.29
CA SER B 161 -10.74 13.08 -17.40
C SER B 161 -9.46 13.37 -16.63
N GLY B 162 -8.79 12.33 -16.19
CA GLY B 162 -7.60 12.48 -15.42
C GLY B 162 -6.37 12.65 -16.24
N GLY B 163 -6.49 12.60 -17.56
CA GLY B 163 -5.32 12.85 -18.40
C GLY B 163 -4.38 11.69 -18.57
N HIS B 164 -4.88 10.48 -18.36
CA HIS B 164 -3.97 9.33 -18.37
C HIS B 164 -3.95 8.69 -19.75
N HIS B 165 -3.24 9.34 -20.65
CA HIS B 165 -3.27 8.94 -22.06
C HIS B 165 -2.79 7.53 -22.31
N GLU B 166 -1.90 7.06 -21.45
CA GLU B 166 -1.32 5.73 -21.59
C GLU B 166 -2.34 4.62 -21.39
N LEU B 167 -3.56 5.01 -21.01
CA LEU B 167 -4.65 4.05 -20.78
C LEU B 167 -5.70 3.98 -21.89
N VAL B 168 -5.76 5.02 -22.70
CA VAL B 168 -6.81 5.19 -23.69
C VAL B 168 -6.83 4.08 -24.72
N ALA B 169 -5.70 3.84 -25.39
CA ALA B 169 -5.67 2.82 -26.44
C ALA B 169 -5.94 1.50 -25.87
N LEU B 170 -5.33 1.23 -24.69
CA LEU B 170 -5.52 -0.06 -24.04
C LEU B 170 -6.98 -0.32 -23.80
N LEU B 171 -7.68 0.66 -23.26
CA LEU B 171 -9.08 0.42 -22.97
C LEU B 171 -9.92 0.19 -24.24
N LEU B 172 -9.62 1.00 -25.25
CA LEU B 172 -10.33 0.93 -26.56
C LEU B 172 -10.12 -0.42 -27.14
N GLN B 173 -8.92 -0.93 -27.00
CA GLN B 173 -8.71 -2.30 -27.42
C GLN B 173 -9.52 -3.31 -26.77
N HIS B 174 -9.76 -3.16 -25.46
CA HIS B 174 -10.55 -4.15 -24.80
C HIS B 174 -12.02 -3.86 -24.90
N GLY B 175 -12.38 -2.85 -25.69
CA GLY B 175 -13.78 -2.64 -26.00
C GLY B 175 -14.48 -1.57 -25.27
N ALA B 176 -13.76 -0.59 -24.73
CA ALA B 176 -14.48 0.54 -24.16
C ALA B 176 -15.24 1.31 -25.23
N SER B 177 -16.50 1.67 -24.94
CA SER B 177 -17.24 2.50 -25.83
C SER B 177 -16.73 3.90 -25.81
N ILE B 178 -16.20 4.34 -26.92
CA ILE B 178 -15.48 5.63 -26.99
C ILE B 178 -16.45 6.78 -26.85
N ASN B 179 -17.73 6.53 -27.12
CA ASN B 179 -18.70 7.60 -27.06
C ASN B 179 -19.69 7.54 -25.90
N ALA B 180 -19.52 6.59 -25.00
CA ALA B 180 -20.38 6.61 -23.82
C ALA B 180 -20.20 7.95 -23.07
N SER B 181 -21.28 8.31 -22.42
CA SER B 181 -21.40 9.57 -21.68
C SER B 181 -21.82 9.35 -20.21
N ASN B 182 -21.33 10.23 -19.36
CA ASN B 182 -21.77 10.28 -17.94
C ASN B 182 -23.02 11.12 -17.73
N ASN B 183 -23.42 11.27 -16.46
CA ASN B 183 -24.69 11.87 -16.09
C ASN B 183 -24.84 13.32 -16.47
N LYS B 184 -23.73 14.01 -16.62
CA LYS B 184 -23.73 15.34 -17.22
C LYS B 184 -23.84 15.29 -18.74
N GLY B 185 -23.93 14.10 -19.33
CA GLY B 185 -23.91 13.93 -20.78
C GLY B 185 -22.53 14.12 -21.40
N ASN B 186 -21.49 14.22 -20.58
CA ASN B 186 -20.13 14.28 -21.10
C ASN B 186 -19.55 12.94 -21.50
N THR B 187 -18.72 12.99 -22.54
CA THR B 187 -18.04 11.85 -23.10
C THR B 187 -16.62 11.96 -22.64
N ALA B 188 -15.92 10.86 -22.82
CA ALA B 188 -14.50 10.91 -22.57
C ALA B 188 -13.91 12.11 -23.24
N LEU B 189 -14.36 12.42 -24.44
CA LEU B 189 -13.74 13.51 -25.16
C LEU B 189 -14.12 14.87 -24.54
N HIS B 190 -15.39 15.05 -24.21
CA HIS B 190 -15.79 16.26 -23.49
C HIS B 190 -14.82 16.53 -22.31
N GLU B 191 -14.76 15.54 -21.41
CA GLU B 191 -13.92 15.67 -20.22
C GLU B 191 -12.44 15.95 -20.55
N ALA B 192 -11.86 15.29 -21.55
CA ALA B 192 -10.47 15.56 -21.86
C ALA B 192 -10.27 17.01 -22.27
N VAL B 193 -11.32 17.58 -22.85
CA VAL B 193 -11.22 18.90 -23.42
C VAL B 193 -11.40 19.90 -22.31
N ILE B 194 -12.45 19.72 -21.53
CA ILE B 194 -12.62 20.55 -20.36
C ILE B 194 -11.31 20.64 -19.55
N GLU B 195 -10.76 19.49 -19.20
CA GLU B 195 -9.54 19.41 -18.37
C GLU B 195 -8.26 19.65 -19.15
N LYS B 196 -8.40 19.89 -20.45
CA LYS B 196 -7.28 20.30 -21.32
C LYS B 196 -6.15 19.30 -21.50
N HIS B 197 -6.48 18.00 -21.50
CA HIS B 197 -5.45 16.98 -21.73
C HIS B 197 -5.25 16.74 -23.23
N VAL B 198 -4.32 17.48 -23.79
CA VAL B 198 -4.14 17.48 -25.22
C VAL B 198 -3.87 16.09 -25.80
N PHE B 199 -2.95 15.34 -25.19
CA PHE B 199 -2.55 14.03 -25.72
C PHE B 199 -3.75 13.07 -25.70
N VAL B 200 -4.55 13.15 -24.67
CA VAL B 200 -5.78 12.37 -24.61
C VAL B 200 -6.70 12.75 -25.79
N VAL B 201 -6.87 14.05 -26.02
CA VAL B 201 -7.75 14.54 -27.08
C VAL B 201 -7.29 13.96 -28.43
N GLU B 202 -6.01 14.16 -28.73
CA GLU B 202 -5.35 13.53 -29.86
C GLU B 202 -5.69 12.07 -30.05
N LEU B 203 -5.53 11.29 -28.97
CA LEU B 203 -5.77 9.86 -29.06
C LEU B 203 -7.20 9.54 -29.28
N LEU B 204 -8.12 10.32 -28.70
CA LEU B 204 -9.52 9.97 -28.87
C LEU B 204 -9.99 10.29 -30.29
N LEU B 205 -9.45 11.37 -30.83
CA LEU B 205 -9.83 11.79 -32.18
C LEU B 205 -9.27 10.79 -33.17
N LEU B 206 -8.02 10.39 -32.96
CA LEU B 206 -7.39 9.37 -33.75
C LEU B 206 -8.21 8.09 -33.80
N HIS B 207 -8.84 7.74 -32.68
CA HIS B 207 -9.60 6.49 -32.60
C HIS B 207 -11.03 6.74 -32.93
N GLY B 208 -11.33 7.97 -33.38
CA GLY B 208 -12.60 8.22 -34.04
C GLY B 208 -13.71 8.70 -33.19
N ALA B 209 -13.36 9.32 -32.07
CA ALA B 209 -14.40 9.67 -31.12
C ALA B 209 -15.30 10.74 -31.74
N SER B 210 -16.60 10.59 -31.59
CA SER B 210 -17.51 11.58 -32.10
C SER B 210 -17.27 12.97 -31.54
N VAL B 211 -17.54 13.99 -32.37
CA VAL B 211 -17.41 15.38 -31.93
C VAL B 211 -18.76 16.07 -31.97
N GLN B 212 -19.81 15.29 -32.14
CA GLN B 212 -21.13 15.86 -32.26
C GLN B 212 -22.00 15.52 -31.08
N VAL B 213 -21.45 14.92 -30.04
CA VAL B 213 -22.29 14.56 -28.92
C VAL B 213 -22.54 15.84 -28.13
N LEU B 214 -23.79 16.05 -27.81
CA LEU B 214 -24.16 17.20 -27.02
C LEU B 214 -24.33 16.79 -25.57
N ASN B 215 -23.54 17.41 -24.69
CA ASN B 215 -23.74 17.18 -23.26
C ASN B 215 -24.99 17.92 -22.84
N LYS B 216 -25.34 17.85 -21.55
CA LYS B 216 -26.69 18.24 -21.08
C LYS B 216 -26.89 19.75 -21.04
N ARG B 217 -25.80 20.50 -21.14
CA ARG B 217 -25.86 21.90 -21.47
C ARG B 217 -25.57 22.23 -22.97
N GLN B 218 -26.04 21.34 -23.86
CA GLN B 218 -25.96 21.53 -25.31
C GLN B 218 -24.59 22.00 -25.78
N ARG B 219 -23.53 21.47 -25.19
CA ARG B 219 -22.22 21.71 -25.74
C ARG B 219 -21.61 20.38 -26.22
N THR B 220 -20.65 20.54 -27.11
CA THR B 220 -19.94 19.49 -27.77
C THR B 220 -18.51 19.66 -27.39
N ALA B 221 -17.72 18.62 -27.59
CA ALA B 221 -16.30 18.78 -27.35
C ALA B 221 -15.78 20.14 -27.81
N VAL B 222 -16.22 20.56 -29.00
CA VAL B 222 -15.65 21.73 -29.66
C VAL B 222 -15.98 23.03 -28.93
N ASP B 223 -17.26 23.24 -28.67
CA ASP B 223 -17.65 24.43 -27.93
C ASP B 223 -17.41 24.24 -26.42
N CYS B 224 -16.38 23.44 -26.05
CA CYS B 224 -15.79 23.40 -24.68
C CYS B 224 -14.30 23.68 -24.72
N ALA B 225 -13.74 23.97 -25.89
CA ALA B 225 -12.32 24.23 -25.97
C ALA B 225 -12.09 25.70 -25.86
N GLU B 226 -10.82 26.08 -25.73
CA GLU B 226 -10.47 27.48 -25.69
C GLU B 226 -10.68 27.99 -27.10
N GLN B 227 -11.01 29.28 -27.20
CA GLN B 227 -10.88 29.91 -28.48
C GLN B 227 -9.37 29.95 -28.76
N ASN B 228 -8.96 29.48 -29.94
CA ASN B 228 -7.54 29.40 -30.33
C ASN B 228 -6.68 28.44 -29.54
N SER B 229 -7.26 27.42 -28.90
CA SER B 229 -6.42 26.39 -28.25
C SER B 229 -5.90 25.45 -29.30
N LYS B 230 -4.68 24.97 -29.08
CA LYS B 230 -4.14 23.85 -29.81
C LYS B 230 -5.18 22.72 -29.88
N ILE B 231 -5.86 22.54 -28.76
CA ILE B 231 -6.97 21.62 -28.70
C ILE B 231 -8.01 21.96 -29.77
N MET B 232 -8.38 23.23 -29.87
CA MET B 232 -9.38 23.69 -30.84
C MET B 232 -8.98 23.34 -32.27
N GLU B 233 -7.75 23.64 -32.62
CA GLU B 233 -7.20 23.23 -33.90
C GLU B 233 -7.46 21.76 -34.18
N LEU B 234 -7.14 20.91 -33.21
CA LEU B 234 -7.32 19.45 -33.32
C LEU B 234 -8.79 19.08 -33.58
N LEU B 235 -9.69 19.72 -32.86
CA LEU B 235 -11.10 19.44 -33.06
C LEU B 235 -11.69 19.86 -34.43
N GLN B 236 -10.89 20.50 -35.31
CA GLN B 236 -11.33 20.90 -36.67
C GLN B 236 -10.96 19.90 -37.76
N VAL B 237 -9.73 19.40 -37.73
CA VAL B 237 -9.32 18.30 -38.59
C VAL B 237 -9.95 16.98 -38.09
#